data_5C6O
#
_entry.id   5C6O
#
_cell.length_a   91.059
_cell.length_b   94.146
_cell.length_c   102.464
_cell.angle_alpha   90.00
_cell.angle_beta   90.00
_cell.angle_gamma   90.00
#
_symmetry.space_group_name_H-M   'P 21 21 21'
#
loop_
_entity.id
_entity.type
_entity.pdbx_description
1 polymer 'BH2163 protein'
2 non-polymer (2S)-2-(3,4-dimethoxyphenyl)-5-{[2-(3,4-dimethoxyphenyl)ethyl](methyl)amino}-2-(propan-2-yl)pentanenitrile
#
_entity_poly.entity_id   1
_entity_poly.type   'polypeptide(L)'
_entity_poly.pdbx_seq_one_letter_code
;MEQKQQSERLGTEAIPKLLRSLSIPAMIGMFVMALYNVVDTIFISYAVGIEGVAGVTIAFPIMMIMMSMAGALGIGGASV
ISRRLGERRGEEANQVFGNILTVILVLSVIGFISAFTLLGPALQLFGATSVTQGYATDYLFPILLGSIFFFFAFAANNII
RSEGNATFAMVTMIVPAVLNILLDVLFIFGLNMGVLGASIATVIAQASVTGLVLRYFLTGKSTLSLHWSDLRMKGSVIKE
VCLVGLPAFVQQSSASLMMIAINSMLLRFGSDFYVGVFGLVQRIMMFVMMPMMGIMQAMQPIVGYNYGAKQYSRLRETVM
LGFKVATIFSIGIFALLMLFPEALLRVFTADREVIQAGVSAMHILFCVTFLIGAQIVAGGLYQSLGKPKQALILSLSRQI
IFLIPLVLILPHIFGLSGVWWAFPIADVLSFILTVVLLYRDRNVFFLKTKEERELDLVKTASST
;
_entity_poly.pdbx_strand_id   A
#
loop_
_chem_comp.id
_chem_comp.type
_chem_comp.name
_chem_comp.formula
4YH non-polymer (2S)-2-(3,4-dimethoxyphenyl)-5-{[2-(3,4-dimethoxyphenyl)ethyl](methyl)amino}-2-(propan-2-yl)pentanenitrile 'C27 H38 N2 O4'
#
# COMPACT_ATOMS: atom_id res chain seq x y z
N GLN A 3 -28.18 9.05 9.06
CA GLN A 3 -28.12 10.48 9.45
C GLN A 3 -27.38 10.66 10.79
N LYS A 4 -26.41 11.57 10.81
CA LYS A 4 -25.54 11.82 11.98
C LYS A 4 -25.13 13.29 12.13
N GLN A 5 -24.11 13.53 12.95
CA GLN A 5 -23.48 14.83 13.06
C GLN A 5 -22.15 14.81 12.30
N GLN A 6 -22.16 15.35 11.09
CA GLN A 6 -20.94 15.56 10.29
C GLN A 6 -19.99 16.44 11.09
N SER A 7 -19.07 15.86 11.88
CA SER A 7 -18.37 16.68 12.91
C SER A 7 -17.70 17.92 12.33
N GLU A 8 -16.41 17.85 12.07
CA GLU A 8 -15.81 18.81 11.17
C GLU A 8 -15.25 18.04 10.00
N ARG A 9 -16.03 17.06 9.56
CA ARG A 9 -15.92 16.60 8.21
C ARG A 9 -15.77 17.90 7.45
N LEU A 10 -14.65 18.06 6.74
CA LEU A 10 -14.49 19.26 5.89
C LEU A 10 -15.51 19.23 4.73
N GLY A 11 -16.71 18.69 5.01
CA GLY A 11 -17.77 18.47 4.04
C GLY A 11 -17.91 19.67 3.12
N THR A 12 -17.62 20.83 3.70
CA THR A 12 -17.59 22.10 2.99
C THR A 12 -16.70 21.99 1.77
N GLU A 13 -17.35 22.21 0.64
CA GLU A 13 -16.78 21.93 -0.65
C GLU A 13 -15.64 22.88 -1.08
N ALA A 14 -14.64 23.09 -0.22
CA ALA A 14 -13.54 24.04 -0.50
C ALA A 14 -12.52 23.52 -1.55
N ILE A 15 -13.01 22.81 -2.56
CA ILE A 15 -12.28 21.71 -3.30
C ILE A 15 -11.26 21.97 -4.44
N PRO A 16 -10.08 22.52 -4.11
CA PRO A 16 -8.87 22.22 -4.80
C PRO A 16 -7.82 22.57 -3.81
N LYS A 17 -8.27 22.69 -2.57
CA LYS A 17 -7.40 22.92 -1.47
C LYS A 17 -7.88 21.88 -0.51
N LEU A 18 -9.07 21.36 -0.81
CA LEU A 18 -9.50 20.15 -0.18
C LEU A 18 -8.37 19.17 -0.52
N LEU A 19 -8.06 19.04 -1.82
CA LEU A 19 -6.91 18.25 -2.29
C LEU A 19 -5.59 18.68 -1.67
N ARG A 20 -5.21 19.92 -1.88
CA ARG A 20 -3.96 20.44 -1.31
C ARG A 20 -3.81 19.98 0.12
N SER A 21 -4.75 20.40 0.97
CA SER A 21 -4.71 20.02 2.36
C SER A 21 -4.80 18.52 2.54
N LEU A 22 -5.65 17.86 1.75
CA LEU A 22 -5.84 16.41 1.89
C LEU A 22 -4.65 15.51 1.51
N SER A 23 -4.12 15.78 0.33
CA SER A 23 -2.93 15.21 -0.10
C SER A 23 -1.91 15.30 1.04
N ILE A 24 -1.22 16.44 1.19
CA ILE A 24 0.10 16.40 1.86
C ILE A 24 0.23 15.56 3.13
N PRO A 25 -0.83 15.52 3.95
CA PRO A 25 -0.69 14.67 5.11
C PRO A 25 -0.26 13.27 4.69
N ALA A 26 -0.95 12.71 3.70
CA ALA A 26 -0.52 11.47 3.07
C ALA A 26 0.94 11.69 2.87
N MET A 27 1.25 12.54 1.90
CA MET A 27 2.63 12.86 1.60
C MET A 27 3.44 12.64 2.83
N ILE A 28 3.05 13.29 3.91
CA ILE A 28 3.95 13.38 5.01
C ILE A 28 4.27 12.04 5.66
N GLY A 29 3.30 11.48 6.35
CA GLY A 29 3.49 10.24 7.11
C GLY A 29 3.90 9.06 6.25
N MET A 30 3.41 9.07 5.02
CA MET A 30 3.81 8.10 4.05
C MET A 30 5.30 8.17 3.99
N PHE A 31 5.82 9.37 3.70
CA PHE A 31 7.25 9.57 3.59
C PHE A 31 8.03 9.16 4.83
N VAL A 32 7.51 9.64 5.96
CA VAL A 32 8.05 9.34 7.27
C VAL A 32 8.33 7.85 7.40
N MET A 33 7.28 7.07 7.44
CA MET A 33 7.42 5.66 7.71
C MET A 33 8.44 5.08 6.76
N ALA A 34 8.41 5.51 5.50
CA ALA A 34 9.41 5.10 4.56
C ALA A 34 10.83 5.30 5.14
N LEU A 35 11.07 6.42 5.82
CA LEU A 35 12.30 6.53 6.59
C LEU A 35 12.46 5.33 7.48
N TYR A 36 11.59 5.15 8.46
CA TYR A 36 11.73 3.99 9.35
C TYR A 36 12.25 2.74 8.65
N ASN A 37 11.75 2.43 7.47
CA ASN A 37 12.31 1.34 6.73
C ASN A 37 13.80 1.53 6.73
N VAL A 38 14.32 2.10 5.62
CA VAL A 38 15.60 2.79 5.64
C VAL A 38 16.25 2.59 7.02
N VAL A 39 15.89 3.50 7.92
CA VAL A 39 16.69 3.79 9.08
C VAL A 39 16.65 2.66 10.07
N ASP A 40 15.68 1.59 9.83
CA ASP A 40 15.45 0.25 10.55
C ASP A 40 16.43 -0.70 9.93
N THR A 41 16.25 -0.82 8.63
CA THR A 41 16.93 -1.85 7.89
C THR A 41 18.46 -1.63 7.90
N ILE A 42 18.88 -0.40 7.63
CA ILE A 42 20.30 -0.08 7.82
C ILE A 42 20.82 -0.61 9.16
N PHE A 43 19.94 -0.81 10.12
CA PHE A 43 20.27 -1.48 11.37
C PHE A 43 20.44 -2.99 11.20
N ILE A 44 19.42 -3.64 10.67
CA ILE A 44 19.50 -5.07 10.41
C ILE A 44 20.73 -5.42 9.57
N SER A 45 21.24 -4.45 8.79
CA SER A 45 22.50 -4.62 8.06
C SER A 45 23.65 -4.29 8.96
N TYR A 46 23.50 -4.56 10.25
CA TYR A 46 24.57 -4.30 11.17
C TYR A 46 24.72 -5.31 12.23
N ALA A 47 23.78 -5.33 13.17
CA ALA A 47 23.85 -6.29 14.28
C ALA A 47 23.46 -7.65 13.76
N VAL A 48 22.93 -7.63 12.54
CA VAL A 48 22.99 -8.80 11.70
C VAL A 48 23.57 -8.35 10.37
N GLY A 49 23.89 -9.29 9.50
CA GLY A 49 24.55 -8.99 8.22
C GLY A 49 23.56 -8.78 7.10
N ILE A 50 23.71 -9.57 6.04
CA ILE A 50 22.84 -9.48 4.87
C ILE A 50 22.02 -10.77 4.77
N GLU A 51 22.30 -11.64 5.75
CA GLU A 51 21.63 -12.92 5.91
C GLU A 51 20.17 -12.71 6.36
N GLY A 52 20.00 -11.77 7.28
CA GLY A 52 18.70 -11.51 7.88
C GLY A 52 17.97 -10.49 7.04
N VAL A 53 18.73 -9.50 6.57
CA VAL A 53 18.22 -8.53 5.59
C VAL A 53 17.32 -9.24 4.55
N ALA A 54 17.72 -10.45 4.18
CA ALA A 54 16.89 -11.25 3.29
C ALA A 54 15.77 -12.01 4.05
N GLY A 55 16.07 -12.44 5.29
CA GLY A 55 15.11 -13.15 6.14
C GLY A 55 13.85 -12.35 6.02
N VAL A 56 13.91 -11.16 6.60
CA VAL A 56 13.07 -10.02 6.25
C VAL A 56 12.35 -10.14 4.91
N THR A 57 13.14 -10.18 3.85
CA THR A 57 12.60 -9.91 2.54
C THR A 57 11.86 -11.11 1.95
N ILE A 58 12.26 -12.31 2.38
CA ILE A 58 11.49 -13.50 2.06
C ILE A 58 10.29 -13.55 2.98
N ALA A 59 10.52 -13.15 4.22
CA ALA A 59 9.45 -12.98 5.19
C ALA A 59 8.38 -12.02 4.66
N PHE A 60 8.82 -10.92 4.06
CA PHE A 60 7.93 -9.86 3.62
C PHE A 60 6.56 -10.32 3.07
N PRO A 61 6.55 -10.96 1.88
CA PRO A 61 5.29 -11.20 1.18
C PRO A 61 4.20 -11.83 2.02
N ILE A 62 4.57 -12.42 3.15
CA ILE A 62 3.60 -13.05 4.03
C ILE A 62 2.94 -12.03 4.96
N MET A 63 3.65 -10.96 5.31
CA MET A 63 2.99 -9.85 5.94
C MET A 63 2.01 -9.21 4.96
N MET A 64 2.45 -9.08 3.72
CA MET A 64 1.61 -8.51 2.70
C MET A 64 0.35 -9.33 2.50
N ILE A 65 0.42 -10.64 2.71
CA ILE A 65 -0.75 -11.49 2.50
C ILE A 65 -1.81 -11.24 3.56
N MET A 66 -1.38 -10.93 4.77
CA MET A 66 -2.37 -10.50 5.73
C MET A 66 -2.82 -9.09 5.35
N MET A 67 -1.98 -8.09 5.56
CA MET A 67 -2.37 -6.71 5.31
C MET A 67 -3.18 -6.47 4.02
N SER A 68 -2.89 -7.21 2.96
CA SER A 68 -3.70 -7.13 1.74
C SER A 68 -5.17 -7.34 2.15
N MET A 69 -5.44 -8.46 2.81
CA MET A 69 -6.79 -8.78 3.24
C MET A 69 -7.39 -7.63 4.05
N ALA A 70 -6.73 -7.23 5.12
CA ALA A 70 -7.19 -6.04 5.84
C ALA A 70 -7.45 -4.90 4.86
N GLY A 71 -6.52 -4.69 3.94
CA GLY A 71 -6.54 -3.53 3.04
C GLY A 71 -7.83 -3.34 2.27
N ALA A 72 -8.24 -4.39 1.55
CA ALA A 72 -9.57 -4.40 1.01
C ALA A 72 -10.45 -3.92 2.15
N LEU A 73 -10.50 -4.70 3.21
CA LEU A 73 -11.34 -4.40 4.34
C LEU A 73 -11.34 -2.91 4.57
N GLY A 74 -10.15 -2.33 4.67
CA GLY A 74 -10.01 -0.90 4.94
C GLY A 74 -10.65 -0.06 3.86
N ILE A 75 -10.23 -0.30 2.61
CA ILE A 75 -10.73 0.42 1.45
C ILE A 75 -12.22 0.18 1.28
N GLY A 76 -12.62 -1.09 1.29
CA GLY A 76 -14.01 -1.47 1.34
C GLY A 76 -14.77 -0.45 2.16
N GLY A 77 -14.34 -0.25 3.42
CA GLY A 77 -14.97 0.73 4.31
C GLY A 77 -14.88 2.15 3.80
N ALA A 78 -13.65 2.59 3.55
CA ALA A 78 -13.39 3.89 2.95
C ALA A 78 -14.43 4.37 1.93
N SER A 79 -14.73 3.50 0.96
CA SER A 79 -15.45 3.82 -0.27
C SER A 79 -16.93 3.46 -0.19
N VAL A 80 -17.24 2.71 0.85
CA VAL A 80 -18.56 2.64 1.36
C VAL A 80 -18.71 3.97 2.09
N ILE A 81 -18.16 4.07 3.28
CA ILE A 81 -18.29 5.25 4.16
C ILE A 81 -18.21 6.65 3.50
N SER A 82 -17.70 6.71 2.27
CA SER A 82 -17.71 7.97 1.52
C SER A 82 -18.99 8.18 0.69
N ARG A 83 -19.29 7.17 -0.13
CA ARG A 83 -20.59 6.94 -0.78
C ARG A 83 -21.75 6.87 0.27
N ARG A 84 -21.42 6.94 1.55
CA ARG A 84 -22.44 7.03 2.56
C ARG A 84 -22.05 8.08 3.60
N LEU A 85 -21.82 9.25 3.04
CA LEU A 85 -21.93 10.58 3.62
C LEU A 85 -22.11 11.26 2.29
N GLY A 86 -22.34 12.57 2.20
CA GLY A 86 -22.59 13.11 0.87
C GLY A 86 -23.93 12.49 0.50
N GLU A 87 -23.93 11.28 -0.06
CA GLU A 87 -25.12 10.39 0.02
C GLU A 87 -25.25 10.00 1.49
N ARG A 88 -25.97 10.82 2.26
CA ARG A 88 -25.62 11.04 3.66
C ARG A 88 -26.09 10.04 4.75
N ARG A 89 -26.31 8.77 4.35
CA ARG A 89 -26.62 7.63 5.27
C ARG A 89 -25.77 7.60 6.56
N GLY A 90 -25.37 8.77 7.06
CA GLY A 90 -24.41 8.90 8.17
C GLY A 90 -24.37 7.83 9.26
N GLU A 91 -25.45 7.06 9.37
CA GLU A 91 -25.57 5.97 10.33
C GLU A 91 -25.16 4.63 9.70
N GLU A 92 -25.51 4.41 8.44
CA GLU A 92 -25.05 3.22 7.73
C GLU A 92 -23.57 3.14 7.95
N ALA A 93 -22.92 4.28 7.85
CA ALA A 93 -21.53 4.46 8.21
C ALA A 93 -21.20 3.79 9.56
N ASN A 94 -21.44 4.50 10.65
CA ASN A 94 -21.38 3.92 11.98
C ASN A 94 -21.39 2.41 11.85
N GLN A 95 -22.54 1.88 11.41
CA GLN A 95 -22.74 0.45 11.21
C GLN A 95 -21.48 -0.19 10.64
N VAL A 96 -21.15 0.20 9.42
CA VAL A 96 -20.08 -0.42 8.64
C VAL A 96 -18.75 -0.54 9.40
N PHE A 97 -18.13 0.62 9.71
CA PHE A 97 -16.90 0.72 10.50
C PHE A 97 -16.66 -0.54 11.32
N GLY A 98 -17.57 -0.75 12.26
CA GLY A 98 -17.50 -1.84 13.20
C GLY A 98 -17.70 -3.19 12.55
N ASN A 99 -18.74 -3.28 11.71
CA ASN A 99 -19.02 -4.53 11.03
C ASN A 99 -17.88 -4.92 10.06
N ILE A 100 -16.80 -4.14 10.10
CA ILE A 100 -15.55 -4.51 9.46
C ILE A 100 -14.66 -5.03 10.55
N LEU A 101 -14.59 -4.25 11.62
CA LEU A 101 -13.84 -4.52 12.85
C LEU A 101 -14.01 -5.98 13.23
N THR A 102 -15.20 -6.45 12.97
CA THR A 102 -15.55 -7.85 13.05
C THR A 102 -14.57 -8.75 12.27
N VAL A 103 -14.65 -8.71 10.93
CA VAL A 103 -13.93 -9.65 10.07
C VAL A 103 -12.47 -9.41 10.27
N ILE A 104 -12.16 -8.21 10.73
CA ILE A 104 -10.85 -7.90 11.25
C ILE A 104 -10.55 -8.84 12.43
N LEU A 105 -11.15 -8.56 13.58
CA LEU A 105 -10.91 -9.34 14.79
C LEU A 105 -11.10 -10.84 14.56
N VAL A 106 -11.83 -11.22 13.51
CA VAL A 106 -11.84 -12.62 13.07
C VAL A 106 -10.43 -13.00 12.63
N LEU A 107 -9.90 -12.26 11.66
CA LEU A 107 -8.64 -12.63 11.03
C LEU A 107 -7.44 -12.35 11.92
N SER A 108 -7.53 -11.29 12.74
CA SER A 108 -6.51 -11.00 13.76
C SER A 108 -6.21 -12.23 14.60
N VAL A 109 -7.13 -13.19 14.51
CA VAL A 109 -6.99 -14.48 15.15
C VAL A 109 -6.46 -15.51 14.15
N ILE A 110 -7.01 -15.54 12.94
CA ILE A 110 -6.52 -16.42 11.89
C ILE A 110 -4.98 -16.35 11.78
N GLY A 111 -4.44 -15.13 11.85
CA GLY A 111 -2.99 -14.90 11.85
C GLY A 111 -2.30 -15.39 13.11
N PHE A 112 -2.83 -14.99 14.26
CA PHE A 112 -2.37 -15.53 15.53
C PHE A 112 -2.36 -17.08 15.53
N ILE A 113 -3.41 -17.68 14.99
CA ILE A 113 -3.43 -19.11 14.72
C ILE A 113 -2.29 -19.48 13.77
N SER A 114 -2.39 -19.09 12.51
CA SER A 114 -1.38 -19.44 11.50
C SER A 114 0.06 -19.23 11.98
N ALA A 115 0.22 -18.38 12.99
CA ALA A 115 1.51 -18.19 13.67
C ALA A 115 1.96 -19.52 14.23
N PHE A 116 1.23 -19.96 15.23
CA PHE A 116 1.36 -21.28 15.81
C PHE A 116 1.16 -22.40 14.77
N THR A 117 0.93 -22.06 13.50
CA THR A 117 0.66 -23.06 12.46
C THR A 117 1.54 -22.88 11.24
N LEU A 118 0.95 -22.26 10.22
CA LEU A 118 1.39 -22.30 8.83
C LEU A 118 2.74 -21.62 8.57
N LEU A 119 3.37 -21.16 9.65
CA LEU A 119 4.59 -20.34 9.64
C LEU A 119 5.74 -20.94 8.82
N GLY A 120 6.55 -21.72 9.52
CA GLY A 120 7.65 -22.45 8.90
C GLY A 120 7.14 -23.12 7.64
N PRO A 121 6.12 -23.98 7.76
CA PRO A 121 5.57 -24.63 6.60
C PRO A 121 5.82 -23.84 5.31
N ALA A 122 5.19 -22.67 5.18
CA ALA A 122 5.30 -21.87 3.97
C ALA A 122 6.65 -21.17 3.87
N LEU A 123 7.22 -20.82 5.03
CA LEU A 123 8.48 -20.10 5.07
C LEU A 123 9.55 -20.89 4.34
N GLN A 124 9.84 -22.10 4.84
CA GLN A 124 10.81 -23.00 4.21
C GLN A 124 10.46 -23.21 2.75
N LEU A 125 9.19 -23.05 2.42
CA LEU A 125 8.70 -23.32 1.08
C LEU A 125 9.17 -22.30 0.06
N PHE A 126 10.49 -22.11 0.02
CA PHE A 126 11.20 -21.92 -1.24
C PHE A 126 12.71 -21.73 -1.21
N GLY A 127 13.19 -20.58 -0.75
CA GLY A 127 14.63 -20.32 -0.75
C GLY A 127 15.31 -20.53 0.58
N ALA A 128 14.94 -21.61 1.28
CA ALA A 128 15.26 -21.81 2.70
C ALA A 128 16.75 -21.96 3.07
N THR A 129 17.53 -20.87 2.98
CA THR A 129 18.93 -20.89 3.42
C THR A 129 18.92 -21.09 4.93
N SER A 130 19.53 -22.18 5.40
CA SER A 130 19.41 -22.56 6.82
C SER A 130 19.73 -21.44 7.80
N VAL A 131 20.54 -20.46 7.36
CA VAL A 131 20.78 -19.23 8.14
C VAL A 131 19.54 -18.32 8.14
N THR A 132 19.14 -17.88 6.95
CA THR A 132 18.05 -16.93 6.77
C THR A 132 16.67 -17.49 7.13
N GLN A 133 16.53 -18.81 6.96
CA GLN A 133 15.37 -19.59 7.39
C GLN A 133 14.91 -19.18 8.80
N GLY A 134 15.85 -19.15 9.73
CA GLY A 134 15.59 -18.69 11.10
C GLY A 134 15.27 -17.21 11.18
N TYR A 135 16.02 -16.40 10.44
CA TYR A 135 15.85 -14.95 10.51
C TYR A 135 14.47 -14.53 10.08
N ALA A 136 13.99 -15.07 8.98
CA ALA A 136 12.61 -14.85 8.57
C ALA A 136 11.63 -15.39 9.63
N THR A 137 11.93 -16.57 10.16
CA THR A 137 11.10 -17.18 11.21
C THR A 137 11.01 -16.23 12.39
N ASP A 138 12.18 -15.80 12.87
CA ASP A 138 12.29 -14.91 14.02
C ASP A 138 11.83 -13.49 13.72
N TYR A 139 11.69 -13.20 12.43
CA TYR A 139 11.03 -12.01 11.98
C TYR A 139 9.53 -12.22 12.02
N LEU A 140 9.09 -13.35 11.48
CA LEU A 140 7.69 -13.53 11.22
C LEU A 140 6.85 -13.95 12.44
N PHE A 141 7.44 -14.73 13.36
CA PHE A 141 6.68 -15.21 14.52
C PHE A 141 5.98 -14.12 15.34
N PRO A 142 6.72 -13.06 15.74
CA PRO A 142 6.17 -11.95 16.53
C PRO A 142 5.03 -11.20 15.84
N ILE A 143 5.28 -10.72 14.63
CA ILE A 143 4.29 -9.95 13.86
C ILE A 143 2.90 -10.58 13.90
N LEU A 144 2.85 -11.90 14.04
CA LEU A 144 1.61 -12.68 13.97
C LEU A 144 0.92 -12.85 15.33
N LEU A 145 1.60 -12.38 16.37
CA LEU A 145 1.16 -12.62 17.72
C LEU A 145 0.18 -11.62 18.31
N GLY A 146 0.19 -10.34 17.91
CA GLY A 146 1.02 -9.77 16.87
C GLY A 146 0.04 -9.19 15.86
N SER A 147 -0.46 -10.09 15.01
CA SER A 147 -1.35 -9.74 13.91
C SER A 147 -2.22 -8.54 14.23
N ILE A 148 -2.90 -8.65 15.36
CA ILE A 148 -4.01 -7.80 15.65
C ILE A 148 -3.68 -6.33 15.43
N PHE A 149 -2.86 -5.77 16.33
CA PHE A 149 -2.54 -4.34 16.31
C PHE A 149 -2.30 -3.90 14.88
N PHE A 150 -1.75 -4.84 14.12
CA PHE A 150 -1.27 -4.62 12.80
C PHE A 150 -2.41 -4.25 11.86
N PHE A 151 -3.45 -5.08 11.84
CA PHE A 151 -4.61 -4.86 10.96
C PHE A 151 -5.44 -3.63 11.31
N PHE A 152 -5.93 -3.62 12.56
CA PHE A 152 -6.70 -2.51 13.11
C PHE A 152 -6.10 -1.26 12.48
N ALA A 153 -4.83 -1.02 12.75
CA ALA A 153 -4.27 0.29 12.45
C ALA A 153 -4.16 0.71 10.95
N PHE A 154 -4.13 -0.27 10.03
CA PHE A 154 -4.18 0.05 8.59
C PHE A 154 -5.62 0.19 8.19
N ALA A 155 -6.46 -0.59 8.87
CA ALA A 155 -7.87 -0.37 8.76
C ALA A 155 -8.09 1.07 9.22
N ALA A 156 -7.99 1.33 10.52
CA ALA A 156 -8.28 2.68 11.04
C ALA A 156 -7.74 3.77 10.10
N ASN A 157 -6.44 3.67 9.76
CA ASN A 157 -5.76 4.68 8.93
C ASN A 157 -6.37 4.78 7.51
N ASN A 158 -7.19 3.82 7.18
CA ASN A 158 -7.83 3.83 5.91
C ASN A 158 -9.18 4.47 6.06
N ILE A 159 -9.83 4.18 7.18
CA ILE A 159 -11.18 4.65 7.47
C ILE A 159 -11.15 6.15 7.84
N ILE A 160 -10.06 6.49 8.54
CA ILE A 160 -9.87 7.85 9.01
C ILE A 160 -9.52 8.81 7.85
N ARG A 161 -9.07 8.19 6.76
CA ARG A 161 -8.95 8.90 5.51
C ARG A 161 -10.34 8.98 4.95
N SER A 162 -10.99 7.81 4.89
CA SER A 162 -12.28 7.58 4.25
C SER A 162 -13.29 8.57 4.77
N GLU A 163 -13.11 8.93 6.05
CA GLU A 163 -13.76 10.11 6.62
C GLU A 163 -12.97 11.35 6.20
N GLY A 164 -11.94 11.76 6.95
CA GLY A 164 -11.25 12.97 6.50
C GLY A 164 -9.99 13.36 7.22
N ASN A 165 -9.68 12.60 8.26
CA ASN A 165 -8.63 13.02 9.14
C ASN A 165 -7.34 12.55 8.61
N ALA A 166 -6.85 13.28 7.60
CA ALA A 166 -5.57 12.99 7.00
C ALA A 166 -4.53 13.44 8.02
N THR A 167 -4.93 14.46 8.76
CA THR A 167 -4.13 15.04 9.79
C THR A 167 -3.80 14.00 10.88
N PHE A 168 -4.82 13.45 11.52
CA PHE A 168 -4.59 12.45 12.56
C PHE A 168 -4.07 11.17 11.92
N ALA A 169 -4.27 11.05 10.60
CA ALA A 169 -3.60 10.03 9.77
C ALA A 169 -2.09 10.18 9.93
N MET A 170 -1.50 11.18 9.27
CA MET A 170 -0.18 11.70 9.64
C MET A 170 0.37 11.08 10.92
N VAL A 171 -0.49 11.05 11.92
CA VAL A 171 -0.08 10.83 13.28
C VAL A 171 -0.30 9.35 13.65
N THR A 172 -1.15 8.68 12.87
CA THR A 172 -1.17 7.22 12.88
C THR A 172 0.12 6.79 12.25
N MET A 173 0.53 7.53 11.25
CA MET A 173 1.84 7.32 10.76
C MET A 173 2.73 8.03 11.80
N ILE A 174 3.21 9.26 11.53
CA ILE A 174 4.44 9.83 12.19
C ILE A 174 4.95 9.11 13.45
N VAL A 175 4.03 8.44 14.14
CA VAL A 175 4.27 8.01 15.48
C VAL A 175 4.61 6.52 15.76
N PRO A 176 4.06 5.55 15.03
CA PRO A 176 4.80 4.31 15.18
C PRO A 176 6.18 4.59 14.66
N ALA A 177 6.24 5.15 13.45
CA ALA A 177 7.49 5.67 12.95
C ALA A 177 8.50 6.09 14.08
N VAL A 178 8.42 7.33 14.58
CA VAL A 178 9.41 7.80 15.53
C VAL A 178 9.66 6.73 16.59
N LEU A 179 8.60 6.14 17.11
CA LEU A 179 8.68 5.05 18.05
C LEU A 179 9.65 4.03 17.53
N ASN A 180 9.21 3.40 16.46
CA ASN A 180 9.84 2.21 15.97
C ASN A 180 11.28 2.42 15.58
N ILE A 181 11.68 3.68 15.45
CA ILE A 181 13.11 3.97 15.38
C ILE A 181 13.60 3.66 16.78
N LEU A 182 13.36 4.59 17.70
CA LEU A 182 13.89 4.53 19.05
C LEU A 182 13.63 3.21 19.70
N LEU A 183 12.64 2.50 19.18
CA LEU A 183 12.29 1.20 19.69
C LEU A 183 13.19 0.14 19.17
N ASP A 184 13.56 0.29 17.90
CA ASP A 184 14.59 -0.54 17.29
C ASP A 184 15.94 -0.31 18.00
N VAL A 185 16.64 0.76 17.68
CA VAL A 185 17.74 1.19 18.55
C VAL A 185 17.68 0.53 19.93
N LEU A 186 16.55 0.65 20.62
CA LEU A 186 16.39 0.01 21.93
C LEU A 186 16.67 -1.50 21.98
N PHE A 187 15.92 -2.30 21.24
CA PHE A 187 16.31 -3.70 21.09
C PHE A 187 17.52 -3.86 20.19
N ILE A 188 17.26 -4.12 18.90
CA ILE A 188 18.29 -4.35 17.88
C ILE A 188 19.74 -4.05 18.37
N PHE A 189 20.21 -2.81 18.24
CA PHE A 189 21.57 -2.39 18.66
C PHE A 189 21.73 -2.21 20.17
N GLY A 190 20.70 -1.64 20.81
CA GLY A 190 20.76 -1.31 22.23
C GLY A 190 20.92 -2.55 23.09
N LEU A 191 20.03 -3.52 22.90
CA LEU A 191 20.22 -4.85 23.45
C LEU A 191 20.96 -5.67 22.40
N ASN A 192 20.56 -6.93 22.24
CA ASN A 192 21.03 -7.70 21.10
C ASN A 192 19.89 -8.45 20.39
N MET A 193 18.69 -8.37 20.95
CA MET A 193 17.53 -8.94 20.28
C MET A 193 17.46 -8.32 18.89
N GLY A 194 18.07 -9.00 17.92
CA GLY A 194 18.17 -8.46 16.57
C GLY A 194 16.85 -8.47 15.82
N VAL A 195 16.78 -9.30 14.78
CA VAL A 195 15.58 -9.48 13.97
C VAL A 195 14.50 -9.88 14.96
N LEU A 196 14.64 -11.10 15.45
CA LEU A 196 14.04 -11.58 16.67
C LEU A 196 13.38 -10.50 17.53
N GLY A 197 14.01 -9.32 17.59
CA GLY A 197 13.56 -8.19 18.42
C GLY A 197 13.13 -6.89 17.71
N ALA A 198 13.58 -6.66 16.49
CA ALA A 198 13.09 -5.53 15.70
C ALA A 198 11.73 -5.84 15.15
N SER A 199 11.34 -7.11 15.27
CA SER A 199 9.96 -7.51 15.11
C SER A 199 9.18 -7.09 16.35
N ILE A 200 9.62 -7.54 17.52
CA ILE A 200 8.96 -7.16 18.75
C ILE A 200 8.90 -5.64 18.94
N ALA A 201 9.90 -4.92 18.43
CA ALA A 201 9.80 -3.48 18.34
C ALA A 201 8.58 -3.09 17.52
N THR A 202 8.53 -3.55 16.27
CA THR A 202 7.46 -3.19 15.36
C THR A 202 6.11 -3.83 15.69
N VAL A 203 6.03 -4.51 16.82
CA VAL A 203 4.71 -4.77 17.36
C VAL A 203 4.44 -3.73 18.44
N ILE A 204 5.33 -3.59 19.41
CA ILE A 204 5.15 -2.55 20.39
C ILE A 204 4.96 -1.18 19.69
N ALA A 205 5.23 -1.14 18.40
CA ALA A 205 4.82 0.02 17.60
C ALA A 205 3.31 0.02 17.46
N GLN A 206 2.80 -1.05 16.85
CA GLN A 206 1.39 -1.18 16.49
C GLN A 206 0.49 -1.35 17.68
N ALA A 207 1.07 -1.57 18.84
CA ALA A 207 0.30 -1.53 20.03
C ALA A 207 -0.02 -0.10 20.34
N SER A 208 1.03 0.69 20.46
CA SER A 208 0.92 2.02 20.98
C SER A 208 0.37 3.00 19.96
N VAL A 209 -0.09 2.47 18.82
CA VAL A 209 -1.02 3.24 17.99
C VAL A 209 -2.43 2.86 18.32
N THR A 210 -2.82 1.65 17.94
CA THR A 210 -4.06 1.01 18.40
C THR A 210 -4.69 1.67 19.63
N GLY A 211 -3.93 1.73 20.72
CA GLY A 211 -4.28 2.58 21.85
C GLY A 211 -4.84 3.91 21.36
N LEU A 212 -4.01 4.68 20.67
CA LEU A 212 -4.40 6.02 20.21
C LEU A 212 -5.57 6.10 19.23
N VAL A 213 -5.72 5.10 18.37
CA VAL A 213 -6.82 5.07 17.41
C VAL A 213 -8.15 4.90 18.13
N LEU A 214 -8.12 4.11 19.19
CA LEU A 214 -9.29 3.99 20.01
C LEU A 214 -9.78 5.36 20.40
N ARG A 215 -8.92 6.17 21.00
CA ARG A 215 -9.29 7.55 21.32
C ARG A 215 -10.03 8.30 20.15
N TYR A 216 -9.42 8.41 18.97
CA TYR A 216 -10.07 9.09 17.83
C TYR A 216 -11.24 8.32 17.24
N PHE A 217 -11.81 7.44 18.06
CA PHE A 217 -13.01 6.67 17.75
C PHE A 217 -13.81 6.34 18.98
N LEU A 218 -13.27 6.65 20.15
CA LEU A 218 -14.02 6.43 21.37
C LEU A 218 -14.06 7.71 22.18
N THR A 219 -12.88 8.20 22.56
CA THR A 219 -12.76 9.43 23.35
C THR A 219 -13.02 10.66 22.48
N GLY A 220 -13.96 11.51 22.90
CA GLY A 220 -14.47 12.56 22.04
C GLY A 220 -14.38 12.04 20.63
N LYS A 221 -15.05 10.91 20.39
CA LYS A 221 -14.97 10.19 19.11
C LYS A 221 -15.09 11.26 18.06
N SER A 222 -14.01 11.51 17.34
CA SER A 222 -14.05 12.62 16.45
C SER A 222 -14.67 12.30 15.11
N THR A 223 -14.17 13.02 14.11
CA THR A 223 -14.88 13.35 12.86
C THR A 223 -16.34 12.89 12.73
N LEU A 224 -16.63 11.60 12.97
CA LEU A 224 -17.97 11.13 12.68
C LEU A 224 -18.48 9.92 13.43
N SER A 225 -19.39 9.20 12.76
CA SER A 225 -20.23 8.16 13.34
C SER A 225 -19.42 6.93 13.70
N LEU A 226 -19.39 6.70 15.00
CA LEU A 226 -18.38 5.88 15.64
C LEU A 226 -18.99 5.36 16.99
N HIS A 227 -19.46 4.10 17.01
CA HIS A 227 -20.32 3.54 18.11
C HIS A 227 -19.80 2.22 18.68
N TRP A 228 -19.97 2.00 19.98
CA TRP A 228 -19.33 0.85 20.64
C TRP A 228 -20.10 0.33 21.86
N SER A 229 -20.83 -0.77 21.64
CA SER A 229 -21.42 -1.57 22.71
C SER A 229 -22.08 -2.78 22.06
N ASP A 230 -22.93 -2.48 21.09
CA ASP A 230 -23.56 -3.50 20.27
C ASP A 230 -23.48 -3.04 18.82
N LEU A 231 -23.05 -1.80 18.60
CA LEU A 231 -23.20 -1.19 17.27
C LEU A 231 -23.15 -2.19 16.12
N ARG A 232 -22.01 -2.84 15.99
CA ARG A 232 -21.75 -3.80 14.93
C ARG A 232 -22.21 -5.18 15.36
N MET A 233 -22.57 -6.02 14.40
CA MET A 233 -22.47 -7.46 14.62
C MET A 233 -21.82 -8.10 13.41
N LYS A 234 -22.64 -8.41 12.41
CA LYS A 234 -22.20 -9.14 11.24
C LYS A 234 -23.07 -8.68 10.07
N GLY A 235 -22.81 -7.46 9.58
CA GLY A 235 -23.62 -6.87 8.51
C GLY A 235 -23.80 -7.76 7.29
N SER A 236 -24.86 -7.53 6.53
CA SER A 236 -24.95 -8.13 5.21
C SER A 236 -24.09 -7.25 4.32
N VAL A 237 -23.54 -6.21 4.95
CA VAL A 237 -22.66 -5.24 4.29
C VAL A 237 -21.23 -5.78 4.17
N ILE A 238 -20.92 -6.81 4.95
CA ILE A 238 -19.67 -7.58 4.79
C ILE A 238 -19.54 -7.93 3.30
N LYS A 239 -20.65 -8.37 2.72
CA LYS A 239 -20.76 -8.57 1.29
C LYS A 239 -20.42 -7.26 0.56
N GLU A 240 -20.88 -6.13 1.10
CA GLU A 240 -20.74 -4.80 0.49
C GLU A 240 -19.32 -4.24 0.47
N VAL A 241 -18.50 -4.63 1.44
CA VAL A 241 -17.10 -4.15 1.53
C VAL A 241 -16.15 -5.03 0.75
N CYS A 242 -16.23 -6.35 0.99
CA CYS A 242 -15.52 -7.32 0.18
C CYS A 242 -15.77 -6.95 -1.28
N LEU A 243 -17.05 -6.74 -1.62
CA LEU A 243 -17.42 -6.11 -2.87
C LEU A 243 -16.35 -5.13 -3.31
N VAL A 244 -16.19 -4.07 -2.53
CA VAL A 244 -15.27 -3.03 -2.89
C VAL A 244 -13.85 -3.52 -2.84
N GLY A 245 -13.49 -4.07 -1.69
CA GLY A 245 -12.14 -4.57 -1.50
C GLY A 245 -11.70 -5.60 -2.51
N LEU A 246 -12.64 -6.33 -3.09
CA LEU A 246 -12.29 -7.41 -4.03
C LEU A 246 -11.13 -7.07 -4.95
N PRO A 247 -11.20 -5.95 -5.70
CA PRO A 247 -10.08 -5.61 -6.58
C PRO A 247 -8.93 -5.03 -5.79
N ALA A 248 -9.24 -4.41 -4.67
CA ALA A 248 -8.19 -3.96 -3.79
C ALA A 248 -7.18 -5.07 -3.44
N PHE A 249 -7.63 -6.17 -2.82
CA PHE A 249 -6.68 -7.18 -2.31
C PHE A 249 -6.18 -8.17 -3.35
N VAL A 250 -6.73 -8.06 -4.55
CA VAL A 250 -6.09 -8.60 -5.72
C VAL A 250 -4.79 -7.85 -5.89
N GLN A 251 -4.89 -6.53 -6.03
CA GLN A 251 -3.75 -5.69 -6.38
C GLN A 251 -2.50 -5.94 -5.57
N GLN A 252 -2.69 -6.39 -4.33
CA GLN A 252 -1.59 -6.84 -3.52
C GLN A 252 -1.23 -8.27 -3.88
N SER A 253 -2.05 -9.22 -3.44
CA SER A 253 -1.88 -10.62 -3.82
C SER A 253 -1.35 -10.80 -5.24
N SER A 254 -1.60 -9.83 -6.10
CA SER A 254 -1.07 -9.88 -7.44
C SER A 254 0.41 -9.68 -7.35
N ALA A 255 0.81 -8.46 -6.99
CA ALA A 255 2.21 -8.13 -6.86
C ALA A 255 2.84 -9.11 -5.89
N SER A 256 2.25 -9.20 -4.70
CA SER A 256 2.79 -10.00 -3.61
C SER A 256 3.03 -11.46 -4.00
N LEU A 257 2.00 -12.11 -4.53
CA LEU A 257 2.12 -13.54 -4.84
C LEU A 257 2.93 -13.77 -6.11
N MET A 258 3.26 -12.70 -6.81
CA MET A 258 4.19 -12.82 -7.90
C MET A 258 5.64 -12.47 -7.47
N MET A 259 5.79 -11.77 -6.35
CA MET A 259 7.12 -11.44 -5.85
C MET A 259 7.61 -12.34 -4.73
N ILE A 260 6.82 -13.34 -4.36
CA ILE A 260 7.37 -14.48 -3.63
C ILE A 260 8.27 -15.06 -4.68
N ALA A 261 7.65 -15.37 -5.82
CA ALA A 261 8.32 -15.93 -6.98
C ALA A 261 9.66 -15.24 -7.19
N ILE A 262 9.67 -14.13 -7.91
CA ILE A 262 10.91 -13.41 -8.19
C ILE A 262 11.89 -13.23 -7.00
N ASN A 263 11.43 -13.46 -5.77
CA ASN A 263 12.34 -13.47 -4.61
C ASN A 263 12.98 -14.83 -4.33
N SER A 264 12.17 -15.88 -4.26
CA SER A 264 12.71 -17.24 -4.09
C SER A 264 13.44 -17.78 -5.34
N MET A 265 13.02 -17.32 -6.54
CA MET A 265 13.78 -17.54 -7.80
C MET A 265 15.11 -16.78 -7.77
N LEU A 266 15.20 -15.77 -6.92
CA LEU A 266 16.46 -15.06 -6.71
C LEU A 266 17.19 -15.61 -5.51
N LEU A 267 16.69 -16.73 -4.99
CA LEU A 267 17.36 -17.43 -3.91
C LEU A 267 18.14 -18.64 -4.46
N ARG A 268 17.69 -19.16 -5.60
CA ARG A 268 18.38 -20.28 -6.23
C ARG A 268 19.69 -19.84 -6.90
N PHE A 269 19.72 -18.62 -7.47
CA PHE A 269 20.98 -18.02 -7.90
C PHE A 269 21.70 -17.28 -6.77
N GLY A 270 21.27 -16.06 -6.48
CA GLY A 270 21.92 -15.25 -5.45
C GLY A 270 21.37 -15.52 -4.07
N SER A 271 21.91 -16.54 -3.41
CA SER A 271 21.43 -16.96 -2.08
C SER A 271 20.98 -15.78 -1.19
N ASP A 272 21.75 -14.69 -1.21
CA ASP A 272 21.45 -13.51 -0.38
C ASP A 272 21.92 -12.18 -1.01
N PHE A 273 23.18 -12.16 -1.46
CA PHE A 273 23.80 -10.97 -2.11
C PHE A 273 22.76 -10.11 -2.84
N TYR A 274 21.81 -10.81 -3.47
CA TYR A 274 20.90 -10.26 -4.46
C TYR A 274 19.49 -9.95 -3.93
N VAL A 275 19.11 -10.55 -2.80
CA VAL A 275 17.78 -10.31 -2.22
C VAL A 275 17.70 -8.94 -1.57
N GLY A 276 18.72 -8.58 -0.80
CA GLY A 276 18.83 -7.24 -0.21
C GLY A 276 19.24 -6.20 -1.23
N VAL A 277 19.02 -6.53 -2.51
CA VAL A 277 19.12 -5.59 -3.61
C VAL A 277 17.83 -5.68 -4.43
N PHE A 278 17.02 -6.71 -4.15
CA PHE A 278 15.59 -6.60 -4.39
C PHE A 278 15.17 -5.58 -3.37
N GLY A 279 15.09 -6.02 -2.11
CA GLY A 279 14.77 -5.16 -0.99
C GLY A 279 15.09 -3.69 -1.25
N LEU A 280 16.36 -3.40 -1.51
CA LEU A 280 16.82 -2.05 -1.78
C LEU A 280 16.11 -1.34 -2.93
N VAL A 281 16.00 -1.97 -4.09
CA VAL A 281 15.48 -1.28 -5.32
C VAL A 281 13.97 -1.10 -5.26
N GLN A 282 13.37 -1.51 -4.13
CA GLN A 282 11.93 -1.41 -3.95
C GLN A 282 11.59 -0.04 -3.40
N ARG A 283 11.98 0.19 -2.17
CA ARG A 283 11.68 1.43 -1.49
C ARG A 283 12.25 2.67 -2.20
N ILE A 284 12.84 2.50 -3.39
CA ILE A 284 13.09 3.65 -4.29
C ILE A 284 12.05 3.66 -5.42
N MET A 285 11.39 2.53 -5.62
CA MET A 285 10.18 2.52 -6.41
C MET A 285 9.11 3.20 -5.50
N MET A 286 8.68 2.51 -4.45
CA MET A 286 7.69 3.05 -3.48
C MET A 286 7.95 4.48 -3.03
N PHE A 287 9.22 4.77 -2.71
CA PHE A 287 9.57 6.06 -2.12
C PHE A 287 9.17 7.18 -3.04
N VAL A 288 9.65 7.11 -4.27
CA VAL A 288 9.17 8.06 -5.24
C VAL A 288 7.98 7.52 -6.05
N MET A 289 7.24 6.62 -5.42
CA MET A 289 5.86 6.42 -5.83
C MET A 289 4.95 7.35 -5.03
N MET A 290 5.18 7.41 -3.71
CA MET A 290 4.52 8.36 -2.79
C MET A 290 3.84 9.64 -3.35
N PRO A 291 4.62 10.67 -3.70
CA PRO A 291 4.04 11.64 -4.59
C PRO A 291 2.77 11.13 -5.23
N MET A 292 2.85 10.30 -6.26
CA MET A 292 1.61 9.74 -6.78
C MET A 292 0.58 9.24 -5.74
N MET A 293 1.00 8.22 -4.98
CA MET A 293 0.17 7.60 -3.97
C MET A 293 -0.57 8.63 -3.11
N GLY A 294 0.19 9.62 -2.63
CA GLY A 294 -0.29 10.61 -1.68
C GLY A 294 -1.38 11.43 -2.29
N ILE A 295 -1.13 11.89 -3.51
CA ILE A 295 -2.12 12.61 -4.29
C ILE A 295 -3.37 11.76 -4.50
N MET A 296 -3.17 10.48 -4.82
CA MET A 296 -4.30 9.57 -4.90
C MET A 296 -5.15 9.67 -3.61
N GLN A 297 -4.53 9.32 -2.48
CA GLN A 297 -5.24 9.20 -1.22
C GLN A 297 -5.90 10.47 -0.77
N ALA A 298 -5.64 11.54 -1.51
CA ALA A 298 -6.35 12.77 -1.30
C ALA A 298 -7.77 12.66 -1.89
N MET A 299 -7.89 12.03 -3.05
CA MET A 299 -9.20 11.88 -3.67
C MET A 299 -10.03 10.77 -3.04
N GLN A 300 -9.32 9.70 -2.64
CA GLN A 300 -9.85 8.62 -1.80
C GLN A 300 -11.26 8.93 -1.30
N PRO A 301 -11.38 10.01 -0.51
CA PRO A 301 -12.62 10.28 0.12
C PRO A 301 -13.25 11.56 -0.42
N ILE A 302 -12.45 12.42 -1.07
CA ILE A 302 -13.00 13.62 -1.68
C ILE A 302 -14.02 13.25 -2.73
N VAL A 303 -13.56 12.53 -3.76
CA VAL A 303 -14.44 11.98 -4.77
C VAL A 303 -15.31 10.92 -4.10
N GLY A 304 -15.59 11.13 -2.82
CA GLY A 304 -16.35 10.20 -2.04
C GLY A 304 -17.65 10.80 -1.60
N TYR A 305 -17.57 11.94 -0.91
CA TYR A 305 -18.77 12.59 -0.43
C TYR A 305 -19.39 13.49 -1.47
N ASN A 306 -18.71 13.65 -2.61
CA ASN A 306 -19.34 14.32 -3.73
C ASN A 306 -20.02 13.43 -4.77
N TYR A 307 -19.57 12.20 -4.87
CA TYR A 307 -20.49 11.17 -5.28
C TYR A 307 -20.93 10.71 -3.93
N GLY A 308 -22.16 10.24 -3.91
CA GLY A 308 -23.00 10.33 -2.76
C GLY A 308 -24.21 10.69 -3.55
N ALA A 309 -24.76 11.87 -3.29
CA ALA A 309 -25.73 12.45 -4.21
C ALA A 309 -25.26 13.86 -4.50
N LYS A 310 -24.20 14.27 -3.79
CA LYS A 310 -23.77 15.66 -3.68
C LYS A 310 -23.31 16.32 -4.98
N GLN A 311 -22.41 17.31 -4.87
CA GLN A 311 -21.97 18.10 -6.02
C GLN A 311 -21.11 17.31 -7.02
N TYR A 312 -21.80 16.50 -7.80
CA TYR A 312 -21.30 15.98 -9.06
C TYR A 312 -20.49 17.03 -9.83
N SER A 313 -21.01 18.24 -9.85
CA SER A 313 -20.43 19.36 -10.56
C SER A 313 -19.05 19.63 -10.02
N ARG A 314 -18.91 19.46 -8.70
CA ARG A 314 -17.65 19.72 -8.05
C ARG A 314 -16.69 18.51 -7.97
N LEU A 315 -17.18 17.32 -8.28
CA LEU A 315 -16.26 16.18 -8.36
C LEU A 315 -15.51 16.10 -9.69
N ARG A 316 -16.17 16.35 -10.83
CA ARG A 316 -15.39 16.26 -12.07
C ARG A 316 -14.22 17.22 -11.94
N GLU A 317 -14.43 18.28 -11.14
CA GLU A 317 -13.38 19.20 -10.78
C GLU A 317 -12.20 18.45 -10.18
N THR A 318 -12.49 17.61 -9.19
CA THR A 318 -11.47 16.79 -8.55
C THR A 318 -10.88 15.94 -9.61
N VAL A 319 -11.66 14.98 -10.12
CA VAL A 319 -11.12 14.01 -11.10
C VAL A 319 -10.27 14.64 -12.20
N MET A 320 -10.66 15.81 -12.70
CA MET A 320 -9.73 16.56 -13.56
C MET A 320 -8.42 16.92 -12.85
N LEU A 321 -8.54 17.63 -11.73
CA LEU A 321 -7.34 18.03 -11.04
C LEU A 321 -6.55 16.81 -10.65
N GLY A 322 -7.23 15.86 -10.00
CA GLY A 322 -6.67 14.56 -9.72
C GLY A 322 -5.66 14.24 -10.78
N PHE A 323 -6.17 13.79 -11.94
CA PHE A 323 -5.37 13.54 -13.18
C PHE A 323 -4.30 14.61 -13.48
N LYS A 324 -4.77 15.81 -13.82
CA LYS A 324 -3.94 17.00 -14.01
C LYS A 324 -2.68 17.04 -13.14
N VAL A 325 -2.80 16.91 -11.82
CA VAL A 325 -1.60 17.03 -11.05
C VAL A 325 -0.75 15.77 -11.24
N ALA A 326 -1.34 14.60 -11.02
CA ALA A 326 -0.60 13.35 -11.10
C ALA A 326 0.25 13.35 -12.34
N THR A 327 -0.33 13.73 -13.48
CA THR A 327 0.50 13.79 -14.68
C THR A 327 1.80 14.61 -14.55
N ILE A 328 1.73 15.80 -13.96
CA ILE A 328 2.96 16.55 -13.85
C ILE A 328 3.97 15.82 -12.96
N PHE A 329 3.51 15.10 -11.95
CA PHE A 329 4.41 14.25 -11.19
C PHE A 329 4.59 12.96 -11.92
N SER A 330 4.08 12.85 -13.13
CA SER A 330 4.30 11.62 -13.89
C SER A 330 5.52 11.87 -14.72
N ILE A 331 5.43 12.90 -15.54
CA ILE A 331 6.61 13.40 -16.22
C ILE A 331 7.75 13.71 -15.23
N GLY A 332 7.42 13.96 -13.97
CA GLY A 332 8.43 14.37 -13.01
C GLY A 332 9.29 13.20 -12.63
N ILE A 333 8.77 12.35 -11.77
CA ILE A 333 9.45 11.15 -11.42
C ILE A 333 10.21 10.68 -12.64
N PHE A 334 9.51 10.47 -13.75
CA PHE A 334 10.09 10.01 -15.04
C PHE A 334 11.46 10.54 -15.44
N ALA A 335 11.58 11.86 -15.61
CA ALA A 335 12.85 12.52 -15.92
C ALA A 335 13.82 12.33 -14.78
N LEU A 336 13.44 12.70 -13.57
CA LEU A 336 14.35 12.53 -12.46
C LEU A 336 14.65 11.06 -12.21
N LEU A 337 13.96 10.20 -12.94
CA LEU A 337 14.23 8.79 -12.87
C LEU A 337 15.05 8.40 -14.09
N MET A 338 15.43 9.38 -14.90
CA MET A 338 16.23 9.07 -16.10
C MET A 338 17.31 10.10 -16.42
N LEU A 339 17.70 10.88 -15.42
CA LEU A 339 18.83 11.81 -15.54
C LEU A 339 19.70 11.58 -14.32
N PHE A 340 19.03 11.23 -13.23
CA PHE A 340 19.66 10.78 -12.01
C PHE A 340 19.62 9.25 -11.86
N PRO A 341 19.61 8.49 -12.97
CA PRO A 341 19.62 7.05 -12.67
C PRO A 341 21.06 6.60 -12.46
N GLU A 342 21.98 7.51 -12.78
CA GLU A 342 23.38 7.40 -12.42
C GLU A 342 23.50 7.43 -10.88
N ALA A 343 23.60 8.63 -10.30
CA ALA A 343 23.80 8.87 -8.85
C ALA A 343 23.06 7.94 -7.87
N LEU A 344 21.96 7.35 -8.33
CA LEU A 344 21.20 6.38 -7.55
C LEU A 344 21.70 4.97 -7.84
N LEU A 345 22.45 4.84 -8.92
CA LEU A 345 23.30 3.69 -9.16
C LEU A 345 24.68 3.90 -8.53
N ARG A 346 24.83 5.03 -7.83
CA ARG A 346 26.03 5.30 -7.01
C ARG A 346 25.81 4.89 -5.56
N VAL A 347 24.60 4.45 -5.25
CA VAL A 347 24.35 3.63 -4.06
C VAL A 347 24.74 2.20 -4.44
N PHE A 348 24.63 1.94 -5.76
CA PHE A 348 24.89 0.64 -6.36
C PHE A 348 26.33 0.58 -6.90
N THR A 349 27.17 1.54 -6.50
CA THR A 349 28.55 1.63 -7.00
C THR A 349 29.22 0.27 -6.87
N ALA A 350 29.40 -0.36 -8.02
CA ALA A 350 30.20 -1.55 -8.14
C ALA A 350 30.87 -1.43 -9.50
N ASP A 351 30.71 -2.45 -10.32
CA ASP A 351 31.40 -2.56 -11.60
C ASP A 351 31.07 -1.41 -12.56
N ARG A 352 31.89 -1.26 -13.58
CA ARG A 352 31.62 -0.34 -14.69
C ARG A 352 30.69 -1.04 -15.70
N GLU A 353 30.24 -2.24 -15.34
CA GLU A 353 29.16 -2.92 -16.04
C GLU A 353 27.89 -2.97 -15.16
N VAL A 354 28.05 -2.65 -13.87
CA VAL A 354 26.90 -2.45 -12.98
C VAL A 354 26.16 -1.16 -13.36
N ILE A 355 26.91 -0.10 -13.64
CA ILE A 355 26.34 1.13 -14.18
C ILE A 355 26.26 1.05 -15.72
N GLN A 356 26.26 -0.17 -16.25
CA GLN A 356 26.18 -0.39 -17.69
C GLN A 356 24.82 -0.93 -18.10
N ALA A 357 24.67 -2.24 -18.01
CA ALA A 357 23.36 -2.88 -18.14
C ALA A 357 22.61 -2.73 -16.82
N GLY A 358 23.35 -2.43 -15.75
CA GLY A 358 22.76 -2.10 -14.46
C GLY A 358 21.92 -0.83 -14.52
N VAL A 359 22.21 0.04 -15.48
CA VAL A 359 21.37 1.22 -15.74
C VAL A 359 20.85 1.17 -17.19
N SER A 360 21.10 0.05 -17.87
CA SER A 360 20.51 -0.21 -19.18
C SER A 360 19.03 -0.48 -18.93
N ALA A 361 18.74 -1.33 -17.93
CA ALA A 361 17.39 -1.63 -17.51
C ALA A 361 16.78 -0.34 -16.98
N MET A 362 17.46 0.26 -16.00
CA MET A 362 17.00 1.50 -15.34
C MET A 362 16.84 2.68 -16.30
N HIS A 363 17.29 2.49 -17.54
CA HIS A 363 17.01 3.43 -18.63
C HIS A 363 15.62 3.06 -19.16
N ILE A 364 15.44 3.00 -20.48
CA ILE A 364 14.10 2.95 -21.12
C ILE A 364 13.10 1.90 -20.54
N LEU A 365 13.53 1.15 -19.52
CA LEU A 365 12.57 0.38 -18.73
C LEU A 365 11.44 1.28 -18.19
N PHE A 366 11.75 2.56 -18.02
CA PHE A 366 10.84 3.54 -17.41
C PHE A 366 10.43 4.70 -18.29
N CYS A 367 10.58 4.58 -19.62
CA CYS A 367 9.90 5.55 -20.44
C CYS A 367 8.53 4.92 -20.52
N VAL A 368 7.84 4.98 -19.38
CA VAL A 368 6.47 4.47 -19.15
C VAL A 368 5.86 5.28 -18.01
N THR A 369 6.68 5.49 -16.97
CA THR A 369 6.41 6.35 -15.80
C THR A 369 5.46 7.51 -16.04
N PHE A 370 5.82 8.32 -17.01
CA PHE A 370 5.08 9.51 -17.36
C PHE A 370 3.60 9.21 -17.76
N LEU A 371 3.32 7.98 -18.19
CA LEU A 371 1.95 7.53 -18.44
C LEU A 371 1.36 6.73 -17.30
N ILE A 372 2.03 6.74 -16.17
CA ILE A 372 1.57 5.96 -15.05
C ILE A 372 0.73 6.82 -14.19
N GLY A 373 0.88 8.13 -14.33
CA GLY A 373 0.08 9.09 -13.59
C GLY A 373 -1.42 8.81 -13.57
N ALA A 374 -2.01 8.71 -14.76
CA ALA A 374 -3.44 8.44 -14.94
C ALA A 374 -3.75 7.02 -14.50
N GLN A 375 -3.05 6.14 -15.19
CA GLN A 375 -3.01 4.70 -15.00
C GLN A 375 -3.25 4.24 -13.56
N ILE A 376 -3.11 5.18 -12.62
CA ILE A 376 -3.12 4.85 -11.20
C ILE A 376 -4.12 5.73 -10.47
N VAL A 377 -4.46 6.85 -11.10
CA VAL A 377 -5.52 7.70 -10.57
C VAL A 377 -6.87 7.06 -10.90
N ALA A 378 -6.97 6.59 -12.15
CA ALA A 378 -8.16 5.89 -12.62
C ALA A 378 -8.58 4.78 -11.62
N GLY A 379 -7.63 4.38 -10.77
CA GLY A 379 -7.84 3.30 -9.83
C GLY A 379 -8.70 3.68 -8.64
N GLY A 380 -8.50 4.91 -8.14
CA GLY A 380 -9.23 5.41 -6.97
C GLY A 380 -10.63 5.70 -7.39
N LEU A 381 -10.74 6.31 -8.55
CA LEU A 381 -12.02 6.67 -9.10
C LEU A 381 -12.54 5.47 -9.88
N TYR A 382 -12.50 4.31 -9.24
CA TYR A 382 -13.41 3.21 -9.57
C TYR A 382 -13.58 2.60 -8.21
N GLN A 383 -12.76 3.06 -7.28
CA GLN A 383 -12.72 2.43 -5.99
C GLN A 383 -13.30 3.30 -4.90
N SER A 384 -13.12 4.61 -4.97
CA SER A 384 -13.88 5.51 -4.09
C SER A 384 -15.34 5.36 -4.50
N LEU A 385 -15.54 5.39 -5.82
CA LEU A 385 -16.83 5.07 -6.40
C LEU A 385 -17.11 3.54 -6.38
N GLY A 386 -17.41 2.99 -5.19
CA GLY A 386 -17.56 1.55 -4.96
C GLY A 386 -18.12 0.62 -6.06
N LYS A 387 -17.75 0.87 -7.33
CA LYS A 387 -18.03 -0.05 -8.45
C LYS A 387 -16.70 -0.58 -9.05
N PRO A 388 -16.00 -1.35 -8.21
CA PRO A 388 -14.62 -1.71 -8.39
C PRO A 388 -14.55 -2.85 -9.38
N LYS A 389 -15.66 -3.04 -10.09
CA LYS A 389 -15.84 -4.15 -10.98
C LYS A 389 -15.09 -3.86 -12.25
N GLN A 390 -15.03 -2.59 -12.62
CA GLN A 390 -14.12 -2.21 -13.66
C GLN A 390 -12.72 -1.98 -13.17
N ALA A 391 -12.58 -1.68 -11.88
CA ALA A 391 -11.26 -1.58 -11.24
C ALA A 391 -10.63 -2.96 -11.14
N LEU A 392 -11.44 -3.93 -10.79
CA LEU A 392 -11.11 -5.33 -10.92
C LEU A 392 -10.50 -5.54 -12.30
N ILE A 393 -11.40 -5.65 -13.28
CA ILE A 393 -11.05 -5.69 -14.69
C ILE A 393 -9.68 -5.06 -14.96
N LEU A 394 -9.49 -3.89 -14.39
CA LEU A 394 -8.36 -3.07 -14.66
C LEU A 394 -7.12 -3.61 -13.98
N SER A 395 -7.23 -3.98 -12.72
CA SER A 395 -6.06 -4.42 -11.96
C SER A 395 -5.39 -5.64 -12.62
N LEU A 396 -6.22 -6.58 -13.04
CA LEU A 396 -5.76 -7.85 -13.57
C LEU A 396 -5.01 -7.66 -14.87
N SER A 397 -5.40 -6.63 -15.61
CA SER A 397 -4.67 -6.25 -16.80
C SER A 397 -3.22 -5.87 -16.52
N ARG A 398 -3.00 -4.74 -15.81
CA ARG A 398 -1.65 -4.30 -15.41
C ARG A 398 -0.87 -5.43 -14.78
N GLN A 399 -1.42 -5.99 -13.71
CA GLN A 399 -0.64 -6.82 -12.80
C GLN A 399 -0.27 -8.20 -13.37
N ILE A 400 -1.25 -8.93 -13.88
CA ILE A 400 -0.96 -10.26 -14.40
C ILE A 400 -1.13 -10.42 -15.90
N ILE A 401 -2.39 -10.47 -16.33
CA ILE A 401 -2.78 -10.98 -17.66
C ILE A 401 -2.03 -10.41 -18.86
N PHE A 402 -1.24 -9.37 -18.63
CA PHE A 402 -0.46 -8.82 -19.72
C PHE A 402 1.00 -8.85 -19.36
N LEU A 403 1.27 -8.89 -18.06
CA LEU A 403 2.63 -8.84 -17.58
C LEU A 403 3.24 -10.21 -17.71
N ILE A 404 2.88 -11.13 -16.83
CA ILE A 404 3.48 -12.47 -16.87
C ILE A 404 3.46 -13.03 -18.30
N PRO A 405 2.29 -13.01 -18.96
CA PRO A 405 2.24 -13.48 -20.34
C PRO A 405 3.20 -12.76 -21.27
N LEU A 406 3.65 -11.57 -20.89
CA LEU A 406 4.68 -10.88 -21.66
C LEU A 406 6.10 -11.32 -21.24
N VAL A 407 6.37 -11.44 -19.93
CA VAL A 407 7.65 -11.98 -19.49
C VAL A 407 7.77 -13.37 -20.08
N LEU A 408 6.83 -14.24 -19.75
CA LEU A 408 6.84 -15.61 -20.26
C LEU A 408 6.97 -15.68 -21.79
N ILE A 409 6.36 -14.72 -22.50
CA ILE A 409 6.51 -14.65 -23.96
C ILE A 409 7.76 -13.86 -24.40
N LEU A 410 8.63 -13.53 -23.46
CA LEU A 410 9.98 -13.06 -23.82
C LEU A 410 11.11 -14.00 -23.33
N PRO A 411 11.17 -14.30 -22.02
CA PRO A 411 11.88 -15.46 -21.48
C PRO A 411 11.78 -16.85 -22.19
N HIS A 412 10.67 -17.19 -22.87
CA HIS A 412 10.70 -18.32 -23.81
C HIS A 412 11.62 -17.84 -24.94
N ILE A 413 12.92 -17.98 -24.68
CA ILE A 413 14.02 -17.35 -25.44
C ILE A 413 13.71 -16.00 -26.14
N PHE A 414 13.94 -14.90 -25.41
CA PHE A 414 14.09 -13.55 -26.00
C PHE A 414 15.06 -12.67 -25.23
N GLY A 415 15.39 -13.09 -24.02
CA GLY A 415 16.55 -12.58 -23.30
C GLY A 415 16.21 -11.88 -22.02
N LEU A 416 17.21 -11.17 -21.47
CA LEU A 416 17.04 -10.21 -20.36
C LEU A 416 16.38 -8.93 -20.91
N SER A 417 16.14 -8.96 -22.22
CA SER A 417 15.19 -8.09 -22.89
C SER A 417 13.75 -8.51 -22.49
N GLY A 418 13.58 -9.79 -22.16
CA GLY A 418 12.37 -10.29 -21.54
C GLY A 418 12.06 -9.69 -20.19
N VAL A 419 13.08 -9.13 -19.54
CA VAL A 419 12.89 -8.24 -18.38
C VAL A 419 12.46 -6.87 -18.90
N TRP A 420 13.09 -6.38 -19.96
CA TRP A 420 12.79 -5.02 -20.45
C TRP A 420 11.43 -4.91 -21.10
N TRP A 421 11.35 -5.16 -22.41
CA TRP A 421 10.10 -5.04 -23.15
C TRP A 421 8.92 -5.48 -22.28
N ALA A 422 9.06 -6.64 -21.64
CA ALA A 422 8.05 -7.19 -20.76
C ALA A 422 7.38 -6.16 -19.87
N PHE A 423 8.11 -5.10 -19.50
CA PHE A 423 7.55 -4.07 -18.64
C PHE A 423 7.13 -2.81 -19.40
N PRO A 424 8.09 -2.00 -19.87
CA PRO A 424 7.67 -0.78 -20.55
C PRO A 424 6.44 -0.98 -21.42
N ILE A 425 6.40 -2.07 -22.17
CA ILE A 425 5.32 -2.23 -23.11
C ILE A 425 4.07 -2.85 -22.49
N ALA A 426 4.23 -3.56 -21.38
CA ALA A 426 3.09 -4.06 -20.64
C ALA A 426 2.31 -2.85 -20.21
N ASP A 427 2.91 -2.06 -19.34
CA ASP A 427 2.24 -0.88 -18.80
C ASP A 427 1.49 -0.08 -19.85
N VAL A 428 2.12 0.24 -20.97
CA VAL A 428 1.40 1.01 -21.99
C VAL A 428 0.02 0.42 -22.30
N LEU A 429 -0.02 -0.87 -22.63
CA LEU A 429 -1.30 -1.51 -22.82
C LEU A 429 -2.28 -1.27 -21.63
N SER A 430 -1.81 -1.42 -20.40
CA SER A 430 -2.63 -1.06 -19.25
C SER A 430 -3.10 0.38 -19.40
N PHE A 431 -2.19 1.30 -19.74
CA PHE A 431 -2.58 2.69 -19.90
C PHE A 431 -3.60 2.87 -21.03
N ILE A 432 -3.34 2.27 -22.19
CA ILE A 432 -4.30 2.34 -23.31
C ILE A 432 -5.67 1.81 -22.91
N LEU A 433 -5.67 0.68 -22.22
CA LEU A 433 -6.83 0.13 -21.55
C LEU A 433 -7.49 1.13 -20.61
N THR A 434 -6.75 1.58 -19.61
CA THR A 434 -7.24 2.66 -18.76
C THR A 434 -7.84 3.88 -19.53
N VAL A 435 -7.24 4.28 -20.65
CA VAL A 435 -7.81 5.37 -21.45
C VAL A 435 -9.23 4.99 -21.74
N VAL A 436 -9.39 3.95 -22.53
CA VAL A 436 -10.67 3.29 -22.76
C VAL A 436 -11.61 3.12 -21.55
N LEU A 437 -11.08 2.85 -20.36
CA LEU A 437 -12.01 2.71 -19.24
C LEU A 437 -12.65 4.01 -18.78
N LEU A 438 -12.19 5.12 -19.31
CA LEU A 438 -12.71 6.42 -18.90
C LEU A 438 -13.62 7.02 -19.94
N TYR A 439 -13.25 6.96 -21.21
CA TYR A 439 -14.21 7.22 -22.26
C TYR A 439 -15.25 6.14 -22.18
N ARG A 440 -14.97 5.10 -21.39
CA ARG A 440 -15.99 4.13 -21.04
C ARG A 440 -17.06 4.86 -20.24
N ASP A 441 -16.66 5.68 -19.26
CA ASP A 441 -17.63 6.44 -18.46
C ASP A 441 -17.45 7.94 -18.63
N ARG A 442 -18.09 8.50 -19.65
CA ARG A 442 -18.12 9.95 -19.87
C ARG A 442 -18.85 10.65 -18.70
N ASN A 443 -18.53 10.20 -17.48
CA ASN A 443 -19.32 10.48 -16.28
C ASN A 443 -18.48 10.65 -15.02
N VAL A 444 -17.24 10.12 -15.05
CA VAL A 444 -16.21 10.42 -14.02
C VAL A 444 -15.83 11.83 -14.37
N PHE A 445 -15.25 11.91 -15.54
CA PHE A 445 -14.97 13.13 -16.17
C PHE A 445 -16.09 13.34 -17.19
N PHE A 446 -17.17 14.01 -16.78
CA PHE A 446 -18.11 14.57 -17.77
C PHE A 446 -18.01 16.10 -17.84
N LEU A 447 -16.80 16.57 -18.19
CA LEU A 447 -16.42 18.01 -18.16
C LEU A 447 -15.55 18.54 -19.35
N LYS A 448 -14.56 17.77 -19.83
CA LYS A 448 -13.74 18.18 -21.00
C LYS A 448 -13.78 17.19 -22.18
C30 4YH B . 2.45 -2.00 -1.89
O19 4YH B . 1.87 -0.78 -1.31
C6 4YH B . 1.35 -0.98 -0.08
C5 4YH B . 2.16 -1.01 1.07
C9 4YH B . -0.04 -1.15 0.04
O23 4YH B . -0.84 -1.13 -1.08
C32 4YH B . -0.87 0.25 -1.88
C13 4YH B . -0.60 -1.37 1.31
C11 4YH B . 0.24 -1.39 2.44
C2 4YH B . 1.63 -1.22 2.35
C1 4YH B . 2.53 -1.23 3.49
C15 4YH B . 2.16 -0.12 4.54
C29 4YH B . 2.94 -0.22 5.87
C28 4YH B . 0.64 0.01 4.80
C3 4YH B . 3.82 -0.84 2.95
N4 4YH B . 4.89 -0.51 2.53
C22 4YH B . 2.80 -2.70 3.98
C26 4YH B . 2.22 -3.15 5.35
C25 4YH B . 3.34 -3.44 6.35
N8 4YH B . 3.91 -4.81 6.31
C27 4YH B . 3.20 -5.75 5.42
C16 4YH B . 5.34 -4.70 5.98
C21 4YH B . 6.19 -4.39 7.24
C17 4YH B . 7.05 -3.34 7.01
C12 4YH B . 8.14 -3.48 6.15
C18 4YH B . 6.82 -2.13 7.67
C14 4YH B . 7.68 -1.06 7.46
C10 4YH B . 8.77 -1.20 6.59
O24 4YH B . 9.60 -0.14 6.39
C33 4YH B . 8.81 1.02 6.08
C7 4YH B . 9.02 -2.41 5.93
O20 4YH B . 10.10 -2.50 5.09
C31 4YH B . 10.58 -3.86 4.83
#